data_2YDE
#
_entry.id   2YDE
#
_cell.length_a   86.727
_cell.length_b   86.727
_cell.length_c   146.053
_cell.angle_alpha   90.00
_cell.angle_beta   90.00
_cell.angle_gamma   90.00
#
_symmetry.space_group_name_H-M   'P 41 21 2'
#
loop_
_entity.id
_entity.type
_entity.pdbx_description
1 polymer 'HYPOXIA-INDUCIBLE FACTOR 1-ALPHA INHIBITOR'
2 non-polymer 'FE (III) ION'
3 non-polymer '(2S)-2-HYDROXYPENTANEDIOIC ACID'
4 non-polymer GLYCEROL
5 non-polymer 'SULFATE ION'
6 water water
#
_entity_poly.entity_id   1
_entity_poly.type   'polypeptide(L)'
_entity_poly.pdbx_seq_one_letter_code
;GSHMAATAAEAVASGSGEPREEAGALGPAWDESQLRSYSFPTRPIPRLSQSDPRAEELIENEEPVVLTDTNLVYPALKWD
LEYLQENIGNGDFSVYSASTHKFLYYDEKKMANFQNFKPRSNREEMKFHEFVEKLQDIQQRGGEERLYLQQTLNDTVGRK
IVMDFLGFNWNWINKQQGKRGWGQLTSNLLLIGMEGNVTPAHYDEQQNFFAQIKGYKRCILFPPDQFECLYPYPVHHPCD
RQSQVDFDNPDYERFPNFQNVVGYETVVGPGDVLYIPMYWWHHIESLLNGGITITVNFWYKGAPTPKRIEYPLKAHQKVA
IMRNIEKMLGEALGNPQEVGPLLNTMIKGRYN
;
_entity_poly.pdbx_strand_id   A
#
# COMPACT_ATOMS: atom_id res chain seq x y z
N MET A 4 -23.17 -18.02 -20.43
CA MET A 4 -21.95 -17.67 -21.23
C MET A 4 -20.82 -17.24 -20.30
N ALA A 5 -19.78 -18.07 -20.22
CA ALA A 5 -18.63 -17.82 -19.36
C ALA A 5 -18.04 -16.41 -19.46
N ALA A 6 -18.02 -15.86 -20.67
CA ALA A 6 -17.49 -14.52 -20.84
C ALA A 6 -18.33 -13.55 -20.01
N THR A 7 -19.64 -13.63 -20.17
CA THR A 7 -20.57 -12.78 -19.42
C THR A 7 -20.50 -13.12 -17.93
N ALA A 8 -20.54 -14.41 -17.61
CA ALA A 8 -20.47 -14.86 -16.22
C ALA A 8 -19.28 -14.22 -15.53
N ALA A 9 -18.24 -13.97 -16.32
CA ALA A 9 -17.02 -13.37 -15.81
C ALA A 9 -17.13 -11.86 -15.74
N GLU A 10 -17.76 -11.25 -16.75
CA GLU A 10 -17.95 -9.80 -16.77
C GLU A 10 -18.74 -9.37 -15.55
N ALA A 11 -19.39 -10.34 -14.90
CA ALA A 11 -20.20 -10.07 -13.71
C ALA A 11 -19.39 -10.15 -12.42
N VAL A 12 -18.64 -11.24 -12.24
CA VAL A 12 -17.82 -11.39 -11.03
C VAL A 12 -16.70 -10.35 -11.02
N ALA A 13 -16.66 -9.53 -12.06
CA ALA A 13 -15.67 -8.46 -12.18
C ALA A 13 -16.37 -7.18 -11.75
N SER A 14 -16.91 -7.22 -10.54
CA SER A 14 -17.63 -6.09 -9.95
C SER A 14 -16.71 -4.89 -9.75
N GLY A 15 -15.77 -5.08 -8.83
CA GLY A 15 -14.84 -4.01 -8.46
C GLY A 15 -15.04 -3.87 -6.98
N SER A 16 -15.28 -2.64 -6.51
CA SER A 16 -15.51 -2.43 -5.10
C SER A 16 -16.97 -2.78 -4.82
N GLY A 17 -17.76 -2.82 -5.90
CA GLY A 17 -19.16 -3.15 -5.79
C GLY A 17 -20.01 -1.92 -5.52
N GLU A 18 -21.31 -2.14 -5.28
CA GLU A 18 -22.22 -1.04 -4.98
C GLU A 18 -21.77 -0.36 -3.70
N PRO A 19 -21.69 0.99 -3.69
CA PRO A 19 -21.27 1.73 -2.51
C PRO A 19 -22.12 1.43 -1.27
N ARG A 20 -21.48 1.17 -0.14
CA ARG A 20 -22.20 0.90 1.10
C ARG A 20 -22.98 2.15 1.54
N GLU A 21 -24.05 1.96 2.31
CA GLU A 21 -24.87 3.05 2.79
C GLU A 21 -24.52 3.43 4.24
N GLU A 22 -24.41 4.73 4.50
CA GLU A 22 -24.07 5.19 5.84
C GLU A 22 -25.27 5.09 6.78
N ALA A 23 -24.99 4.69 8.03
CA ALA A 23 -26.03 4.56 9.04
C ALA A 23 -26.79 5.87 9.21
N GLY A 24 -28.05 5.77 9.63
CA GLY A 24 -28.86 6.96 9.83
C GLY A 24 -29.23 7.64 8.53
N ALA A 25 -29.27 6.88 7.45
CA ALA A 25 -29.62 7.37 6.12
C ALA A 25 -28.82 8.61 5.70
N LEU A 26 -27.53 8.64 6.03
CA LEU A 26 -26.71 9.78 5.68
C LEU A 26 -26.24 9.76 4.21
N GLY A 27 -26.81 8.85 3.43
CA GLY A 27 -26.49 8.77 2.01
C GLY A 27 -25.37 7.83 1.61
N PRO A 28 -25.06 7.73 0.30
CA PRO A 28 -23.99 6.84 -0.16
C PRO A 28 -22.66 7.35 0.39
N ALA A 29 -21.86 6.45 0.94
CA ALA A 29 -20.58 6.86 1.47
C ALA A 29 -19.76 7.59 0.40
N TRP A 30 -19.78 7.02 -0.80
CA TRP A 30 -19.07 7.57 -1.95
C TRP A 30 -19.75 7.04 -3.21
N ASP A 31 -19.29 7.46 -4.38
CA ASP A 31 -19.89 6.98 -5.63
C ASP A 31 -18.85 6.77 -6.73
N GLU A 32 -19.13 5.82 -7.62
CA GLU A 32 -18.25 5.44 -8.72
C GLU A 32 -17.42 6.54 -9.39
N SER A 33 -18.02 7.69 -9.67
CA SER A 33 -17.29 8.77 -10.33
C SER A 33 -16.10 9.25 -9.51
N GLN A 34 -15.97 8.74 -8.31
CA GLN A 34 -14.85 9.14 -7.45
C GLN A 34 -13.68 8.19 -7.63
N LEU A 35 -13.89 7.11 -8.39
CA LEU A 35 -12.84 6.13 -8.65
C LEU A 35 -12.20 6.40 -10.00
N ARG A 36 -10.89 6.26 -10.08
CA ARG A 36 -10.18 6.48 -11.34
C ARG A 36 -10.49 5.30 -12.26
N SER A 37 -10.24 5.43 -13.56
CA SER A 37 -10.52 4.33 -14.49
C SER A 37 -9.23 3.68 -15.00
N TYR A 38 -9.19 2.36 -14.95
CA TYR A 38 -8.01 1.62 -15.39
C TYR A 38 -8.38 0.61 -16.46
N SER A 39 -7.34 0.01 -17.06
CA SER A 39 -7.53 -0.93 -18.16
C SER A 39 -7.75 -2.39 -17.78
N PHE A 40 -7.69 -2.70 -16.50
CA PHE A 40 -7.84 -4.09 -16.06
C PHE A 40 -9.09 -4.38 -15.24
N PRO A 41 -9.49 -5.65 -15.17
CA PRO A 41 -10.68 -6.07 -14.41
C PRO A 41 -10.33 -6.33 -12.94
N THR A 42 -11.33 -6.35 -12.07
CA THR A 42 -11.13 -6.61 -10.64
C THR A 42 -12.34 -7.24 -9.98
N ARG A 43 -12.11 -8.23 -9.11
CA ARG A 43 -13.18 -8.83 -8.35
C ARG A 43 -13.03 -8.22 -6.94
N PRO A 44 -14.10 -8.24 -6.12
CA PRO A 44 -14.02 -7.64 -4.78
C PRO A 44 -13.31 -8.41 -3.70
N ILE A 45 -12.67 -7.68 -2.80
CA ILE A 45 -12.05 -8.31 -1.64
C ILE A 45 -13.22 -8.51 -0.67
N PRO A 46 -13.31 -9.67 -0.04
CA PRO A 46 -14.41 -9.92 0.90
C PRO A 46 -14.42 -8.97 2.09
N ARG A 47 -15.60 -8.48 2.47
CA ARG A 47 -15.79 -7.62 3.64
C ARG A 47 -16.45 -8.50 4.71
N LEU A 48 -15.70 -8.84 5.74
CA LEU A 48 -16.24 -9.72 6.77
C LEU A 48 -16.08 -9.18 8.19
N SER A 49 -16.66 -9.93 9.13
CA SER A 49 -16.58 -9.62 10.54
C SER A 49 -15.41 -10.42 11.07
N GLN A 50 -14.67 -9.83 12.00
CA GLN A 50 -13.53 -10.49 12.57
C GLN A 50 -13.94 -11.80 13.25
N SER A 51 -15.22 -11.90 13.60
CA SER A 51 -15.71 -13.09 14.28
C SER A 51 -16.10 -14.17 13.28
N ASP A 52 -16.11 -13.81 12.01
CA ASP A 52 -16.44 -14.73 10.92
C ASP A 52 -15.27 -15.70 10.68
N PRO A 53 -15.55 -17.01 10.70
CA PRO A 53 -14.47 -17.98 10.48
C PRO A 53 -13.81 -17.81 9.11
N ARG A 54 -14.55 -17.26 8.16
CA ARG A 54 -14.00 -17.01 6.82
C ARG A 54 -12.84 -16.02 6.90
N ALA A 55 -13.06 -14.91 7.61
CA ALA A 55 -12.04 -13.88 7.76
C ALA A 55 -10.74 -14.50 8.28
N GLU A 56 -10.85 -15.36 9.28
CA GLU A 56 -9.70 -16.03 9.86
C GLU A 56 -9.06 -16.94 8.81
N GLU A 57 -9.91 -17.53 7.96
CA GLU A 57 -9.44 -18.43 6.91
C GLU A 57 -8.53 -17.69 5.92
N LEU A 58 -9.03 -16.58 5.39
CA LEU A 58 -8.26 -15.79 4.45
C LEU A 58 -6.91 -15.36 5.02
N ILE A 59 -6.91 -14.85 6.25
CA ILE A 59 -5.67 -14.40 6.88
C ILE A 59 -4.66 -15.53 7.07
N GLU A 60 -5.12 -16.66 7.58
CA GLU A 60 -4.23 -17.80 7.79
C GLU A 60 -3.66 -18.22 6.45
N ASN A 61 -4.46 -18.07 5.40
CA ASN A 61 -4.07 -18.47 4.05
C ASN A 61 -3.45 -17.34 3.22
N GLU A 62 -3.10 -16.24 3.87
CA GLU A 62 -2.46 -15.11 3.22
C GLU A 62 -3.19 -14.57 2.02
N GLU A 63 -4.45 -14.20 2.23
CA GLU A 63 -5.30 -13.62 1.18
C GLU A 63 -5.94 -12.37 1.79
N PRO A 64 -6.10 -11.29 1.01
CA PRO A 64 -6.69 -10.07 1.54
C PRO A 64 -8.13 -10.19 2.00
N VAL A 65 -8.48 -9.38 2.98
CA VAL A 65 -9.83 -9.32 3.52
C VAL A 65 -9.99 -8.04 4.30
N VAL A 66 -11.17 -7.45 4.21
CA VAL A 66 -11.45 -6.25 4.97
C VAL A 66 -12.28 -6.63 6.19
N LEU A 67 -11.77 -6.35 7.38
CA LEU A 67 -12.47 -6.61 8.65
C LEU A 67 -13.22 -5.32 8.98
N THR A 68 -14.52 -5.45 9.16
CA THR A 68 -15.37 -4.29 9.38
C THR A 68 -15.59 -3.85 10.83
N ASP A 69 -15.34 -4.76 11.77
CA ASP A 69 -15.61 -4.46 13.17
C ASP A 69 -14.51 -4.85 14.15
N THR A 70 -13.28 -4.43 13.90
CA THR A 70 -12.22 -4.78 14.83
C THR A 70 -12.00 -3.76 15.94
N ASN A 71 -12.39 -2.50 15.73
CA ASN A 71 -12.13 -1.47 16.73
C ASN A 71 -10.62 -1.42 16.96
N LEU A 72 -9.86 -1.80 15.94
CA LEU A 72 -8.40 -1.75 16.02
C LEU A 72 -7.93 -0.35 16.44
N VAL A 73 -8.42 0.68 15.76
CA VAL A 73 -8.01 2.04 16.06
C VAL A 73 -9.24 2.90 16.39
N TYR A 74 -10.13 2.31 17.16
CA TYR A 74 -11.37 2.96 17.57
C TYR A 74 -11.13 4.38 18.13
N PRO A 75 -10.16 4.54 19.05
CA PRO A 75 -9.87 5.85 19.65
C PRO A 75 -9.37 6.90 18.65
N ALA A 76 -8.82 6.46 17.53
CA ALA A 76 -8.31 7.37 16.51
C ALA A 76 -9.38 7.84 15.53
N LEU A 77 -10.55 7.24 15.58
CA LEU A 77 -11.61 7.63 14.66
C LEU A 77 -12.02 9.08 14.86
N LYS A 78 -11.60 9.68 15.96
CA LYS A 78 -11.91 11.08 16.26
C LYS A 78 -10.85 12.03 15.68
N TRP A 79 -9.72 11.45 15.27
CA TRP A 79 -8.64 12.27 14.72
C TRP A 79 -9.04 13.06 13.48
N ASP A 80 -8.44 14.23 13.33
CA ASP A 80 -8.64 15.10 12.19
C ASP A 80 -7.50 16.10 12.27
N LEU A 81 -7.39 17.00 11.31
CA LEU A 81 -6.28 17.95 11.34
C LEU A 81 -6.18 18.78 12.61
N GLU A 82 -7.27 19.43 12.99
CA GLU A 82 -7.27 20.25 14.20
C GLU A 82 -6.76 19.47 15.42
N TYR A 83 -7.35 18.30 15.66
CA TYR A 83 -6.98 17.47 16.81
C TYR A 83 -5.52 17.04 16.83
N LEU A 84 -5.00 16.63 15.68
CA LEU A 84 -3.61 16.19 15.63
C LEU A 84 -2.62 17.32 15.83
N GLN A 85 -2.90 18.49 15.27
CA GLN A 85 -2.00 19.62 15.45
C GLN A 85 -1.87 19.91 16.94
N GLU A 86 -3.00 19.94 17.64
CA GLU A 86 -2.99 20.21 19.06
C GLU A 86 -2.32 19.11 19.86
N ASN A 87 -2.39 17.88 19.37
CA ASN A 87 -1.82 16.78 20.15
C ASN A 87 -0.77 15.84 19.57
N ILE A 88 -0.33 16.03 18.33
CA ILE A 88 0.64 15.09 17.79
C ILE A 88 2.09 15.29 18.22
N GLY A 89 2.47 16.52 18.57
CA GLY A 89 3.83 16.78 19.01
C GLY A 89 4.57 17.87 18.25
N ASN A 90 5.78 18.17 18.70
CA ASN A 90 6.60 19.19 18.06
C ASN A 90 7.65 18.50 17.17
N GLY A 91 7.51 17.18 17.03
CA GLY A 91 8.43 16.42 16.22
C GLY A 91 8.34 16.73 14.73
N ASP A 92 9.30 16.20 13.97
CA ASP A 92 9.33 16.41 12.52
C ASP A 92 8.50 15.34 11.79
N PHE A 93 7.83 15.77 10.72
CA PHE A 93 7.02 14.86 9.92
C PHE A 93 7.44 14.86 8.46
N SER A 94 7.78 13.69 7.95
CA SER A 94 8.19 13.57 6.55
C SER A 94 6.97 13.90 5.67
N VAL A 95 7.11 14.87 4.78
CA VAL A 95 6.01 15.26 3.90
C VAL A 95 6.46 15.27 2.45
N TYR A 96 5.80 14.47 1.63
CA TYR A 96 6.13 14.40 0.22
C TYR A 96 5.28 15.34 -0.60
N SER A 97 5.91 16.01 -1.55
CA SER A 97 5.22 16.96 -2.41
C SER A 97 5.42 16.49 -3.85
N ALA A 98 4.40 16.64 -4.69
CA ALA A 98 4.50 16.20 -6.06
C ALA A 98 3.64 17.02 -7.02
N SER A 99 4.02 17.00 -8.29
CA SER A 99 3.33 17.71 -9.36
C SER A 99 2.16 16.87 -9.88
N THR A 100 2.39 15.57 -10.02
CA THR A 100 1.36 14.66 -10.50
C THR A 100 0.62 14.06 -9.30
N HIS A 101 -0.48 13.34 -9.56
CA HIS A 101 -1.24 12.72 -8.50
C HIS A 101 -0.55 11.43 -8.03
N LYS A 102 0.43 10.98 -8.81
CA LYS A 102 1.17 9.76 -8.49
C LYS A 102 2.37 9.98 -7.58
N PHE A 103 2.34 9.33 -6.43
CA PHE A 103 3.43 9.44 -5.45
C PHE A 103 4.28 8.19 -5.40
N LEU A 104 5.05 7.96 -6.47
CA LEU A 104 5.93 6.80 -6.54
C LEU A 104 7.00 6.91 -5.45
N TYR A 105 7.11 5.85 -4.65
CA TYR A 105 8.11 5.82 -3.58
C TYR A 105 9.50 5.56 -4.15
N TYR A 106 10.51 6.20 -3.58
CA TYR A 106 11.88 6.00 -4.01
C TYR A 106 12.79 5.85 -2.80
N ASP A 107 13.71 4.90 -2.87
CA ASP A 107 14.65 4.62 -1.79
C ASP A 107 15.89 5.48 -1.97
N GLU A 108 16.15 6.37 -1.02
CA GLU A 108 17.29 7.28 -1.10
C GLU A 108 18.66 6.63 -0.97
N LYS A 109 18.79 5.62 -0.10
CA LYS A 109 20.07 4.93 0.06
C LYS A 109 20.50 4.27 -1.26
N LYS A 110 19.54 4.08 -2.17
CA LYS A 110 19.82 3.46 -3.47
C LYS A 110 20.00 4.47 -4.59
N MET A 111 19.67 5.73 -4.34
CA MET A 111 19.81 6.76 -5.35
C MET A 111 21.25 6.92 -5.81
N ALA A 112 22.18 6.31 -5.06
CA ALA A 112 23.58 6.36 -5.40
C ALA A 112 24.01 5.58 -6.65
N ASN A 113 23.39 4.42 -6.89
CA ASN A 113 23.76 3.59 -8.05
C ASN A 113 23.14 4.01 -9.38
N PHE A 114 22.00 4.71 -9.30
CA PHE A 114 21.34 5.19 -10.50
C PHE A 114 21.26 6.71 -10.31
N GLN A 115 22.10 7.43 -11.03
CA GLN A 115 22.13 8.88 -10.91
C GLN A 115 21.22 9.55 -11.92
N ASN A 116 20.90 8.83 -12.99
CA ASN A 116 20.01 9.33 -14.02
C ASN A 116 18.55 9.22 -13.57
N PHE A 117 18.37 9.06 -12.26
CA PHE A 117 17.03 8.98 -11.67
C PHE A 117 16.68 10.30 -10.99
N LYS A 118 15.56 10.90 -11.40
CA LYS A 118 15.10 12.15 -10.83
C LYS A 118 13.73 11.94 -10.20
N PRO A 119 13.61 12.24 -8.90
CA PRO A 119 12.36 12.10 -8.13
C PRO A 119 11.21 12.98 -8.62
N ARG A 120 10.08 12.36 -8.95
CA ARG A 120 8.91 13.11 -9.42
C ARG A 120 8.24 13.78 -8.22
N SER A 121 8.67 13.40 -7.03
CA SER A 121 8.15 13.97 -5.77
C SER A 121 9.31 14.13 -4.78
N ASN A 122 9.31 15.22 -4.02
CA ASN A 122 10.39 15.47 -3.07
C ASN A 122 9.95 15.45 -1.61
N ARG A 123 10.84 15.01 -0.73
CA ARG A 123 10.57 14.94 0.70
C ARG A 123 11.01 16.20 1.44
N GLU A 124 10.34 16.50 2.54
CA GLU A 124 10.65 17.67 3.36
C GLU A 124 10.13 17.49 4.77
N GLU A 125 11.00 17.72 5.74
CA GLU A 125 10.62 17.60 7.15
C GLU A 125 9.83 18.83 7.57
N MET A 126 8.81 18.60 8.39
CA MET A 126 7.96 19.68 8.87
C MET A 126 7.42 19.44 10.27
N LYS A 127 6.91 20.52 10.85
CA LYS A 127 6.27 20.45 12.15
C LYS A 127 4.83 20.29 11.71
N PHE A 128 4.05 19.47 12.42
CA PHE A 128 2.68 19.25 11.99
C PHE A 128 1.94 20.51 11.57
N HIS A 129 2.13 21.60 12.31
CA HIS A 129 1.44 22.84 11.99
C HIS A 129 1.88 23.38 10.63
N GLU A 130 3.13 23.14 10.26
CA GLU A 130 3.64 23.59 8.96
C GLU A 130 2.91 22.84 7.86
N PHE A 131 2.87 21.51 7.99
CA PHE A 131 2.20 20.69 7.01
C PHE A 131 0.78 21.21 6.85
N VAL A 132 0.13 21.45 7.98
CA VAL A 132 -1.24 21.96 7.98
C VAL A 132 -1.32 23.34 7.35
N GLU A 133 -0.31 24.17 7.61
CA GLU A 133 -0.26 25.50 7.04
C GLU A 133 -0.12 25.39 5.53
N LYS A 134 0.95 24.71 5.10
CA LYS A 134 1.21 24.53 3.68
C LYS A 134 -0.02 23.91 3.00
N LEU A 135 -0.72 23.07 3.74
CA LEU A 135 -1.92 22.42 3.23
C LEU A 135 -3.02 23.47 2.97
N GLN A 136 -3.09 24.47 3.84
CA GLN A 136 -4.09 25.52 3.71
C GLN A 136 -3.77 26.51 2.60
N ASP A 137 -2.52 26.97 2.54
CA ASP A 137 -2.12 27.90 1.49
C ASP A 137 -2.63 27.33 0.18
N ILE A 138 -2.10 26.16 -0.19
CA ILE A 138 -2.49 25.46 -1.41
C ILE A 138 -4.00 25.40 -1.51
N GLN A 139 -4.63 24.98 -0.41
CA GLN A 139 -6.08 24.84 -0.37
C GLN A 139 -6.82 26.14 -0.72
N GLN A 140 -6.51 27.24 -0.04
CA GLN A 140 -7.20 28.50 -0.32
C GLN A 140 -6.69 29.16 -1.61
N ARG A 141 -5.40 29.03 -1.89
CA ARG A 141 -4.83 29.64 -3.09
C ARG A 141 -5.15 28.81 -4.33
N GLY A 142 -6.03 27.83 -4.17
CA GLY A 142 -6.45 26.98 -5.26
C GLY A 142 -5.34 26.31 -6.07
N GLY A 143 -4.15 26.21 -5.50
CA GLY A 143 -3.04 25.58 -6.20
C GLY A 143 -3.31 24.15 -6.60
N GLU A 144 -2.27 23.48 -7.11
CA GLU A 144 -2.40 22.08 -7.54
C GLU A 144 -1.29 21.19 -7.00
N GLU A 145 -0.37 21.77 -6.24
CA GLU A 145 0.71 21.03 -5.62
C GLU A 145 0.07 20.05 -4.65
N ARG A 146 0.37 18.76 -4.82
CA ARG A 146 -0.18 17.73 -3.95
C ARG A 146 0.82 17.35 -2.86
N LEU A 147 0.29 17.11 -1.67
CA LEU A 147 1.12 16.73 -0.54
C LEU A 147 0.64 15.41 0.04
N TYR A 148 1.56 14.67 0.63
CA TYR A 148 1.21 13.40 1.22
C TYR A 148 2.13 13.21 2.41
N LEU A 149 1.58 13.36 3.61
CA LEU A 149 2.38 13.18 4.82
C LEU A 149 2.42 11.69 5.09
N GLN A 150 3.62 11.19 5.37
CA GLN A 150 3.83 9.79 5.66
C GLN A 150 4.94 9.74 6.68
N GLN A 151 4.56 9.48 7.92
CA GLN A 151 5.53 9.49 9.01
C GLN A 151 5.30 8.37 10.02
N THR A 152 6.37 7.69 10.41
CA THR A 152 6.26 6.65 11.42
C THR A 152 5.92 7.38 12.74
N LEU A 153 5.02 6.80 13.53
CA LEU A 153 4.65 7.39 14.79
C LEU A 153 5.74 7.02 15.78
N ASN A 154 6.41 8.04 16.30
CA ASN A 154 7.56 7.86 17.21
C ASN A 154 7.39 8.24 18.69
N ASP A 155 8.48 8.08 19.43
CA ASP A 155 8.54 8.38 20.87
C ASP A 155 8.10 9.80 21.21
N THR A 156 8.04 10.66 20.20
CA THR A 156 7.76 12.07 20.43
C THR A 156 6.34 12.63 20.29
N VAL A 157 5.33 11.77 20.24
CA VAL A 157 3.98 12.30 20.10
C VAL A 157 3.37 12.73 21.44
N GLY A 158 2.48 13.71 21.38
CA GLY A 158 1.83 14.23 22.58
C GLY A 158 1.09 13.22 23.44
N ARG A 159 0.69 13.67 24.64
CA ARG A 159 -0.02 12.82 25.59
C ARG A 159 -1.36 12.23 25.17
N LYS A 160 -2.23 13.03 24.58
CA LYS A 160 -3.52 12.53 24.16
C LYS A 160 -3.42 11.55 22.98
N ILE A 161 -2.36 11.67 22.18
CA ILE A 161 -2.18 10.75 21.07
C ILE A 161 -1.69 9.42 21.60
N VAL A 162 -0.87 9.48 22.65
CA VAL A 162 -0.33 8.29 23.27
C VAL A 162 -1.46 7.58 23.97
N MET A 163 -2.42 8.36 24.45
CA MET A 163 -3.59 7.83 25.13
C MET A 163 -4.41 7.08 24.06
N ASP A 164 -4.75 7.77 22.98
CA ASP A 164 -5.50 7.15 21.90
C ASP A 164 -4.84 5.83 21.50
N PHE A 165 -3.51 5.87 21.40
CA PHE A 165 -2.73 4.71 21.02
C PHE A 165 -2.97 3.52 21.93
N LEU A 166 -2.98 3.78 23.23
CA LEU A 166 -3.20 2.73 24.22
C LEU A 166 -4.59 2.12 24.10
N GLY A 167 -5.54 2.90 23.60
CA GLY A 167 -6.89 2.40 23.42
C GLY A 167 -7.10 1.58 22.16
N PHE A 168 -6.03 1.33 21.39
CA PHE A 168 -6.14 0.52 20.18
C PHE A 168 -6.49 -0.88 20.63
N ASN A 169 -7.04 -1.70 19.75
CA ASN A 169 -7.43 -3.06 20.15
C ASN A 169 -6.25 -4.03 20.09
N TRP A 170 -5.30 -3.83 21.00
CA TRP A 170 -4.13 -4.68 21.06
C TRP A 170 -4.48 -6.12 21.34
N ASN A 171 -5.57 -6.37 22.06
CA ASN A 171 -5.95 -7.75 22.33
C ASN A 171 -6.13 -8.53 21.02
N TRP A 172 -6.88 -7.94 20.09
CA TRP A 172 -7.15 -8.59 18.81
C TRP A 172 -5.92 -8.78 17.92
N ILE A 173 -5.20 -7.70 17.64
CA ILE A 173 -4.06 -7.81 16.77
C ILE A 173 -2.95 -8.68 17.39
N ASN A 174 -2.65 -8.50 18.67
CA ASN A 174 -1.63 -9.34 19.31
C ASN A 174 -1.96 -10.81 19.13
N LYS A 175 -3.24 -11.16 19.12
CA LYS A 175 -3.62 -12.55 18.94
C LYS A 175 -3.39 -12.94 17.47
N GLN A 176 -3.55 -11.97 16.57
CA GLN A 176 -3.31 -12.22 15.16
C GLN A 176 -1.82 -12.46 14.94
N GLN A 177 -1.00 -11.61 15.56
CA GLN A 177 0.44 -11.76 15.48
C GLN A 177 0.79 -13.14 16.02
N GLY A 178 0.20 -13.49 17.16
CA GLY A 178 0.46 -14.79 17.77
C GLY A 178 0.05 -16.00 16.95
N LYS A 179 -1.15 -15.98 16.38
CA LYS A 179 -1.64 -17.12 15.61
C LYS A 179 -0.96 -17.35 14.27
N ARG A 180 -0.35 -16.32 13.71
CA ARG A 180 0.30 -16.46 12.41
C ARG A 180 1.81 -16.66 12.51
N GLY A 181 2.32 -16.65 13.73
CA GLY A 181 3.76 -16.83 13.94
C GLY A 181 4.58 -15.64 13.45
N TRP A 182 3.91 -14.55 13.09
CA TRP A 182 4.61 -13.36 12.62
C TRP A 182 5.66 -12.93 13.62
N GLY A 183 6.55 -12.04 13.18
CA GLY A 183 7.58 -11.51 14.03
C GLY A 183 6.99 -10.33 14.75
N GLN A 184 7.85 -9.44 15.25
CA GLN A 184 7.38 -8.27 15.99
C GLN A 184 6.77 -7.18 15.13
N LEU A 185 6.00 -6.31 15.77
CA LEU A 185 5.42 -5.16 15.09
C LEU A 185 6.66 -4.33 14.84
N THR A 186 6.90 -3.95 13.59
CA THR A 186 8.08 -3.17 13.32
C THR A 186 7.78 -1.68 13.32
N SER A 187 6.54 -1.30 12.98
CA SER A 187 6.20 0.11 12.98
C SER A 187 4.73 0.40 12.67
N ASN A 188 4.36 1.67 12.82
CA ASN A 188 3.03 2.16 12.53
C ASN A 188 3.20 3.40 11.70
N LEU A 189 2.82 3.33 10.44
CA LEU A 189 2.94 4.48 9.57
C LEU A 189 1.64 5.27 9.53
N LEU A 190 1.76 6.58 9.72
CA LEU A 190 0.60 7.47 9.68
C LEU A 190 0.59 8.12 8.30
N LEU A 191 -0.53 8.02 7.61
CA LEU A 191 -0.62 8.61 6.27
C LEU A 191 -1.77 9.60 6.18
N ILE A 192 -1.48 10.80 5.69
CA ILE A 192 -2.51 11.81 5.51
C ILE A 192 -2.28 12.36 4.14
N GLY A 193 -3.27 12.20 3.27
CA GLY A 193 -3.12 12.66 1.91
C GLY A 193 -4.27 13.51 1.42
N MET A 194 -4.04 14.16 0.30
CA MET A 194 -5.04 15.01 -0.30
C MET A 194 -5.88 14.16 -1.23
N GLU A 195 -7.13 14.55 -1.44
CA GLU A 195 -8.04 13.82 -2.31
C GLU A 195 -7.40 13.59 -3.69
N GLY A 196 -7.55 12.39 -4.22
CA GLY A 196 -6.97 12.08 -5.53
C GLY A 196 -5.57 11.50 -5.48
N ASN A 197 -4.90 11.66 -4.34
CA ASN A 197 -3.54 11.14 -4.17
C ASN A 197 -3.47 9.64 -4.45
N VAL A 198 -2.45 9.25 -5.21
CA VAL A 198 -2.27 7.85 -5.55
C VAL A 198 -0.91 7.31 -5.16
N THR A 199 -0.90 6.12 -4.58
CA THR A 199 0.33 5.42 -4.25
C THR A 199 0.36 4.29 -5.31
N PRO A 200 1.33 4.34 -6.24
CA PRO A 200 1.44 3.34 -7.30
C PRO A 200 1.69 1.94 -6.80
N ALA A 201 1.29 0.97 -7.61
CA ALA A 201 1.40 -0.46 -7.28
C ALA A 201 2.82 -0.84 -6.88
N HIS A 202 2.92 -1.53 -5.74
CA HIS A 202 4.19 -1.97 -5.21
C HIS A 202 3.87 -3.05 -4.21
N TYR A 203 4.91 -3.73 -3.73
CA TYR A 203 4.72 -4.77 -2.74
C TYR A 203 5.70 -4.54 -1.58
N ASP A 204 5.34 -5.05 -0.41
CA ASP A 204 6.16 -4.91 0.79
C ASP A 204 6.53 -6.28 1.30
N GLU A 205 7.63 -6.34 2.04
CA GLU A 205 8.09 -7.59 2.64
C GLU A 205 7.68 -7.59 4.11
N GLN A 206 6.51 -7.01 4.39
CA GLN A 206 5.94 -6.96 5.74
C GLN A 206 4.48 -7.41 5.67
N GLN A 207 3.96 -8.00 6.75
CA GLN A 207 2.56 -8.36 6.84
C GLN A 207 1.96 -7.02 7.25
N ASN A 208 0.80 -6.67 6.71
CA ASN A 208 0.25 -5.35 6.98
C ASN A 208 -1.24 -5.34 7.34
N PHE A 209 -1.57 -4.65 8.43
CA PHE A 209 -2.96 -4.45 8.81
C PHE A 209 -3.13 -2.95 8.59
N PHE A 210 -3.90 -2.65 7.55
CA PHE A 210 -4.14 -1.29 7.08
C PHE A 210 -5.45 -0.74 7.66
N ALA A 211 -5.32 0.12 8.67
CA ALA A 211 -6.46 0.68 9.39
C ALA A 211 -6.91 2.05 8.90
N GLN A 212 -8.06 2.09 8.25
CA GLN A 212 -8.59 3.34 7.71
C GLN A 212 -9.21 4.16 8.85
N ILE A 213 -8.96 5.47 8.80
CA ILE A 213 -9.40 6.37 9.87
C ILE A 213 -10.31 7.50 9.40
N LYS A 214 -9.84 8.28 8.43
CA LYS A 214 -10.64 9.37 7.91
C LYS A 214 -10.67 9.33 6.39
N GLY A 215 -11.84 9.57 5.80
CA GLY A 215 -11.94 9.56 4.35
C GLY A 215 -12.03 8.15 3.80
N TYR A 216 -12.00 8.04 2.49
CA TYR A 216 -12.09 6.74 1.86
C TYR A 216 -10.92 6.49 0.90
N LYS A 217 -10.48 5.25 0.86
CA LYS A 217 -9.39 4.84 0.00
C LYS A 217 -9.75 3.61 -0.80
N ARG A 218 -9.46 3.65 -2.09
CA ARG A 218 -9.70 2.51 -2.97
C ARG A 218 -8.40 1.72 -3.00
N CYS A 219 -8.47 0.45 -2.61
CA CYS A 219 -7.29 -0.37 -2.55
C CYS A 219 -7.35 -1.47 -3.63
N ILE A 220 -6.40 -1.47 -4.57
CA ILE A 220 -6.34 -2.48 -5.63
C ILE A 220 -5.12 -3.37 -5.43
N LEU A 221 -5.35 -4.63 -5.07
CA LEU A 221 -4.27 -5.58 -4.82
C LEU A 221 -4.14 -6.61 -5.95
N PHE A 222 -2.95 -7.20 -6.05
CA PHE A 222 -2.63 -8.25 -7.01
C PHE A 222 -1.84 -9.34 -6.28
N PRO A 223 -2.17 -10.60 -6.56
CA PRO A 223 -1.48 -11.73 -5.92
C PRO A 223 0.00 -11.77 -6.33
N PRO A 224 0.84 -12.35 -5.48
CA PRO A 224 2.28 -12.45 -5.75
C PRO A 224 2.59 -13.09 -7.12
N ASP A 225 1.73 -13.99 -7.58
CA ASP A 225 1.98 -14.65 -8.86
C ASP A 225 1.67 -13.80 -10.08
N GLN A 226 1.49 -12.50 -9.90
CA GLN A 226 1.26 -11.63 -11.03
C GLN A 226 2.49 -10.77 -11.25
N PHE A 227 3.59 -11.20 -10.66
CA PHE A 227 4.88 -10.55 -10.80
C PHE A 227 5.20 -10.29 -12.29
N GLU A 228 4.97 -11.32 -13.11
CA GLU A 228 5.24 -11.26 -14.54
C GLU A 228 4.40 -10.24 -15.31
N CYS A 229 3.32 -9.76 -14.69
CA CYS A 229 2.43 -8.78 -15.31
C CYS A 229 2.68 -7.36 -14.79
N LEU A 230 3.43 -7.24 -13.70
CA LEU A 230 3.65 -5.94 -13.09
C LEU A 230 5.03 -5.29 -13.23
N TYR A 231 5.99 -6.06 -13.73
CA TYR A 231 7.33 -5.55 -14.02
C TYR A 231 7.99 -4.63 -12.96
N PRO A 232 8.34 -5.17 -11.80
CA PRO A 232 8.98 -4.29 -10.80
C PRO A 232 10.35 -3.80 -11.27
N TYR A 233 10.75 -2.60 -10.85
CA TYR A 233 12.07 -2.06 -11.20
C TYR A 233 13.16 -3.04 -10.71
N PRO A 234 14.40 -2.87 -11.18
CA PRO A 234 15.50 -3.73 -10.75
C PRO A 234 15.64 -3.59 -9.22
N VAL A 235 16.08 -4.65 -8.58
CA VAL A 235 16.24 -4.65 -7.13
C VAL A 235 17.16 -3.55 -6.59
N HIS A 236 18.12 -3.10 -7.37
CA HIS A 236 19.03 -2.05 -6.92
C HIS A 236 18.56 -0.65 -7.27
N HIS A 237 17.51 -0.55 -8.04
CA HIS A 237 16.95 0.75 -8.40
C HIS A 237 16.25 1.40 -7.19
N PRO A 238 16.20 2.75 -7.15
CA PRO A 238 15.51 3.41 -6.03
C PRO A 238 14.05 2.99 -5.90
N CYS A 239 13.42 2.68 -7.03
CA CYS A 239 12.02 2.29 -7.01
C CYS A 239 11.82 0.80 -6.87
N ASP A 240 12.80 0.16 -6.27
CA ASP A 240 12.71 -1.28 -6.01
C ASP A 240 11.37 -1.62 -5.34
N ARG A 241 10.69 -2.63 -5.89
CA ARG A 241 9.42 -3.13 -5.37
C ARG A 241 8.21 -2.44 -5.97
N GLN A 242 8.44 -1.33 -6.67
CA GLN A 242 7.35 -0.61 -7.33
C GLN A 242 7.23 -1.14 -8.77
N SER A 243 6.03 -1.04 -9.35
CA SER A 243 5.80 -1.46 -10.71
C SER A 243 6.29 -0.38 -11.67
N GLN A 244 6.85 -0.77 -12.82
CA GLN A 244 7.32 0.23 -13.78
C GLN A 244 6.14 0.68 -14.64
N VAL A 245 5.06 -0.11 -14.64
CA VAL A 245 3.89 0.23 -15.46
C VAL A 245 3.13 1.44 -14.94
N ASP A 246 2.80 2.36 -15.84
CA ASP A 246 2.01 3.53 -15.50
C ASP A 246 0.56 3.10 -15.72
N PHE A 247 -0.19 2.92 -14.64
CA PHE A 247 -1.58 2.48 -14.74
C PHE A 247 -2.47 3.45 -15.54
N ASP A 248 -2.08 4.72 -15.60
CA ASP A 248 -2.85 5.72 -16.35
C ASP A 248 -2.54 5.69 -17.85
N ASN A 249 -1.31 5.29 -18.20
CA ASN A 249 -0.90 5.23 -19.60
C ASN A 249 0.04 4.04 -19.79
N PRO A 250 -0.49 2.81 -19.67
CA PRO A 250 0.32 1.59 -19.78
C PRO A 250 0.97 1.31 -21.13
N ASP A 251 2.27 1.02 -21.08
CA ASP A 251 3.05 0.74 -22.28
C ASP A 251 3.05 -0.76 -22.59
N TYR A 252 2.06 -1.20 -23.37
CA TYR A 252 1.96 -2.62 -23.69
C TYR A 252 3.10 -3.17 -24.52
N GLU A 253 3.88 -2.29 -25.13
CA GLU A 253 5.04 -2.73 -25.93
C GLU A 253 6.11 -3.25 -24.97
N ARG A 254 6.48 -2.41 -23.99
CA ARG A 254 7.47 -2.79 -23.00
C ARG A 254 6.91 -3.78 -21.97
N PHE A 255 5.63 -3.63 -21.66
CA PHE A 255 5.00 -4.47 -20.63
C PHE A 255 3.79 -5.22 -21.17
N PRO A 256 4.00 -6.11 -22.14
CA PRO A 256 2.88 -6.83 -22.74
C PRO A 256 1.96 -7.62 -21.80
N ASN A 257 2.52 -8.26 -20.79
CA ASN A 257 1.69 -9.06 -19.90
C ASN A 257 0.79 -8.28 -18.97
N PHE A 258 0.91 -6.96 -18.96
CA PHE A 258 0.05 -6.13 -18.11
C PHE A 258 -1.38 -6.25 -18.65
N GLN A 259 -1.49 -6.79 -19.87
CA GLN A 259 -2.78 -6.98 -20.53
C GLN A 259 -3.49 -8.17 -19.92
N ASN A 260 -2.78 -8.95 -19.12
CA ASN A 260 -3.36 -10.11 -18.48
C ASN A 260 -3.61 -9.92 -16.98
N VAL A 261 -3.34 -8.71 -16.48
CA VAL A 261 -3.48 -8.48 -15.04
C VAL A 261 -4.92 -8.41 -14.53
N VAL A 262 -5.15 -9.08 -13.42
CA VAL A 262 -6.46 -9.09 -12.77
C VAL A 262 -6.34 -8.66 -11.31
N GLY A 263 -7.03 -7.59 -10.95
CA GLY A 263 -6.97 -7.10 -9.59
C GLY A 263 -8.08 -7.50 -8.63
N TYR A 264 -7.86 -7.18 -7.35
CA TYR A 264 -8.80 -7.42 -6.26
C TYR A 264 -8.94 -6.04 -5.63
N GLU A 265 -10.15 -5.52 -5.57
CA GLU A 265 -10.29 -4.19 -4.99
C GLU A 265 -11.37 -4.05 -3.92
N THR A 266 -11.37 -2.87 -3.34
CA THR A 266 -12.29 -2.55 -2.28
C THR A 266 -12.07 -1.11 -1.90
N VAL A 267 -13.09 -0.52 -1.28
CA VAL A 267 -12.96 0.84 -0.80
C VAL A 267 -13.10 0.73 0.71
N VAL A 268 -12.09 1.18 1.43
CA VAL A 268 -12.16 1.14 2.89
C VAL A 268 -12.47 2.52 3.46
N GLY A 269 -13.20 2.52 4.57
CA GLY A 269 -13.55 3.74 5.25
C GLY A 269 -13.33 3.65 6.76
N PRO A 270 -13.60 4.75 7.48
CA PRO A 270 -13.46 4.88 8.93
C PRO A 270 -13.81 3.58 9.65
N GLY A 271 -12.82 2.96 10.27
CA GLY A 271 -13.09 1.72 10.99
C GLY A 271 -12.82 0.41 10.28
N ASP A 272 -12.57 0.44 8.97
CA ASP A 272 -12.29 -0.79 8.26
C ASP A 272 -10.79 -1.07 8.40
N VAL A 273 -10.43 -2.34 8.45
CA VAL A 273 -9.04 -2.75 8.48
C VAL A 273 -8.86 -3.73 7.31
N LEU A 274 -7.97 -3.37 6.40
CA LEU A 274 -7.63 -4.23 5.25
C LEU A 274 -6.35 -4.99 5.55
N TYR A 275 -6.43 -6.31 5.47
CA TYR A 275 -5.23 -7.13 5.64
C TYR A 275 -4.54 -7.23 4.26
N ILE A 276 -3.36 -6.63 4.13
CA ILE A 276 -2.58 -6.68 2.89
C ILE A 276 -1.48 -7.71 3.16
N PRO A 277 -1.65 -8.95 2.68
CA PRO A 277 -0.65 -10.00 2.92
C PRO A 277 0.72 -9.65 2.31
N MET A 278 1.77 -10.13 2.96
CA MET A 278 3.14 -9.90 2.55
C MET A 278 3.33 -10.31 1.09
N TYR A 279 3.98 -9.46 0.31
CA TYR A 279 4.26 -9.71 -1.11
C TYR A 279 3.10 -9.43 -2.06
N TRP A 280 1.95 -9.05 -1.52
CA TRP A 280 0.85 -8.72 -2.39
C TRP A 280 1.05 -7.31 -2.85
N TRP A 281 0.84 -7.10 -4.15
CA TRP A 281 0.95 -5.78 -4.75
C TRP A 281 -0.28 -4.99 -4.31
N HIS A 282 -0.15 -3.69 -4.13
CA HIS A 282 -1.28 -2.87 -3.80
C HIS A 282 -1.07 -1.47 -4.32
N HIS A 283 -2.14 -0.96 -4.90
CA HIS A 283 -2.21 0.36 -5.47
C HIS A 283 -3.23 1.02 -4.55
N ILE A 284 -2.97 2.23 -4.06
CA ILE A 284 -3.89 2.86 -3.15
C ILE A 284 -4.19 4.30 -3.53
N GLU A 285 -5.47 4.64 -3.63
CA GLU A 285 -5.84 5.99 -4.02
C GLU A 285 -6.95 6.60 -3.17
N SER A 286 -6.77 7.87 -2.84
CA SER A 286 -7.74 8.61 -2.05
C SER A 286 -8.81 9.09 -2.98
N LEU A 287 -10.05 8.69 -2.73
CA LEU A 287 -11.15 9.05 -3.63
C LEU A 287 -11.10 10.49 -4.11
N LEU A 288 -11.44 10.66 -5.38
CA LEU A 288 -11.47 11.99 -6.00
C LEU A 288 -12.52 12.85 -5.29
N ASN A 289 -12.14 14.08 -4.95
CA ASN A 289 -13.03 15.01 -4.26
C ASN A 289 -13.68 14.39 -3.03
N GLY A 290 -12.92 13.57 -2.32
CA GLY A 290 -13.45 12.94 -1.13
C GLY A 290 -12.96 13.58 0.14
N GLY A 291 -12.09 14.58 0.00
CA GLY A 291 -11.52 15.25 1.15
C GLY A 291 -10.22 14.57 1.54
N ILE A 292 -9.58 15.01 2.61
CA ILE A 292 -8.31 14.39 3.01
C ILE A 292 -8.54 13.00 3.62
N THR A 293 -7.51 12.16 3.58
CA THR A 293 -7.62 10.80 4.10
C THR A 293 -6.61 10.54 5.19
N ILE A 294 -6.98 9.73 6.18
CA ILE A 294 -6.07 9.38 7.26
C ILE A 294 -6.08 7.88 7.47
N THR A 295 -4.87 7.31 7.58
CA THR A 295 -4.74 5.87 7.74
C THR A 295 -3.55 5.61 8.65
N VAL A 296 -3.59 4.50 9.35
CA VAL A 296 -2.48 4.08 10.16
C VAL A 296 -2.27 2.60 9.85
N ASN A 297 -1.04 2.20 9.55
CA ASN A 297 -0.85 0.79 9.27
C ASN A 297 -0.09 0.13 10.39
N PHE A 298 -0.06 -1.19 10.35
CA PHE A 298 0.67 -1.97 11.33
C PHE A 298 1.53 -2.92 10.52
N TRP A 299 2.84 -2.69 10.51
CA TRP A 299 3.75 -3.56 9.78
C TRP A 299 4.40 -4.56 10.71
N TYR A 300 4.28 -5.84 10.37
CA TYR A 300 4.87 -6.92 11.15
C TYR A 300 5.84 -7.73 10.29
N LYS A 301 6.93 -8.19 10.89
CA LYS A 301 7.87 -9.03 10.16
C LYS A 301 7.09 -10.30 9.89
N GLY A 302 7.36 -10.96 8.77
CA GLY A 302 6.65 -12.19 8.48
C GLY A 302 7.16 -13.32 9.36
N ALA A 303 6.46 -14.44 9.33
CA ALA A 303 6.85 -15.60 10.12
C ALA A 303 8.12 -16.18 9.50
N PRO A 304 8.94 -16.88 10.30
CA PRO A 304 10.16 -17.47 9.75
C PRO A 304 9.83 -18.61 8.78
N THR A 305 10.55 -18.68 7.68
CA THR A 305 10.33 -19.72 6.67
C THR A 305 10.52 -21.13 7.22
N PRO A 306 9.57 -22.03 6.93
CA PRO A 306 9.61 -23.42 7.39
C PRO A 306 10.98 -24.03 7.17
N LYS A 307 11.40 -24.90 8.08
CA LYS A 307 12.73 -25.52 8.00
C LYS A 307 12.86 -26.48 6.82
N ARG A 308 11.83 -27.28 6.55
CA ARG A 308 11.88 -28.18 5.40
C ARG A 308 11.05 -27.54 4.29
N ILE A 309 11.67 -27.24 3.17
CA ILE A 309 10.96 -26.64 2.05
C ILE A 309 10.04 -27.64 1.37
N GLU A 310 8.79 -27.24 1.18
CA GLU A 310 7.80 -28.10 0.54
C GLU A 310 7.60 -27.58 -0.89
N TYR A 311 7.32 -28.50 -1.81
CA TYR A 311 7.12 -28.12 -3.20
C TYR A 311 5.69 -28.34 -3.70
N PRO A 312 5.29 -27.60 -4.75
CA PRO A 312 6.16 -26.62 -5.41
C PRO A 312 6.24 -25.38 -4.54
N LEU A 313 7.16 -24.47 -4.86
CA LEU A 313 7.25 -23.26 -4.07
C LEU A 313 6.01 -22.40 -4.27
N LYS A 314 5.75 -21.52 -3.31
CA LYS A 314 4.64 -20.59 -3.44
C LYS A 314 5.20 -19.41 -4.22
N ALA A 315 4.34 -18.69 -4.94
CA ALA A 315 4.78 -17.54 -5.72
C ALA A 315 5.75 -16.64 -4.96
N HIS A 316 5.41 -16.29 -3.72
CA HIS A 316 6.25 -15.39 -2.96
C HIS A 316 7.64 -15.91 -2.65
N GLN A 317 7.81 -17.23 -2.71
CA GLN A 317 9.13 -17.81 -2.47
C GLN A 317 9.98 -17.65 -3.72
N LYS A 318 9.35 -17.72 -4.89
CA LYS A 318 10.06 -17.51 -6.16
C LYS A 318 10.45 -16.04 -6.26
N VAL A 319 9.55 -15.14 -5.86
CA VAL A 319 9.87 -13.72 -5.89
C VAL A 319 11.07 -13.49 -4.99
N ALA A 320 11.07 -14.13 -3.82
CA ALA A 320 12.17 -14.02 -2.86
C ALA A 320 13.47 -14.49 -3.50
N ILE A 321 13.38 -15.61 -4.24
CA ILE A 321 14.51 -16.18 -4.94
C ILE A 321 15.06 -15.21 -6.00
N MET A 322 14.17 -14.61 -6.79
CA MET A 322 14.59 -13.67 -7.80
C MET A 322 15.31 -12.47 -7.18
N ARG A 323 14.75 -11.92 -6.11
CA ARG A 323 15.38 -10.78 -5.45
C ARG A 323 16.81 -11.14 -5.00
N ASN A 324 16.95 -12.31 -4.39
CA ASN A 324 18.25 -12.72 -3.89
C ASN A 324 19.27 -12.88 -5.01
N ILE A 325 18.84 -13.39 -6.16
CA ILE A 325 19.73 -13.54 -7.29
C ILE A 325 20.23 -12.17 -7.69
N GLU A 326 19.33 -11.18 -7.77
CA GLU A 326 19.74 -9.83 -8.15
C GLU A 326 20.70 -9.22 -7.15
N LYS A 327 20.50 -9.53 -5.87
CA LYS A 327 21.38 -8.98 -4.86
C LYS A 327 22.75 -9.65 -4.91
N MET A 328 22.78 -10.98 -4.96
CA MET A 328 24.05 -11.72 -5.05
C MET A 328 24.85 -11.19 -6.23
N LEU A 329 24.27 -11.27 -7.41
CA LEU A 329 24.92 -10.78 -8.62
C LEU A 329 25.46 -9.37 -8.40
N GLY A 330 24.75 -8.58 -7.62
CA GLY A 330 25.19 -7.22 -7.34
C GLY A 330 26.52 -7.24 -6.61
N GLU A 331 26.62 -8.06 -5.57
CA GLU A 331 27.85 -8.16 -4.80
C GLU A 331 28.99 -8.75 -5.63
N ALA A 332 28.74 -9.91 -6.24
CA ALA A 332 29.78 -10.57 -7.04
C ALA A 332 30.40 -9.69 -8.13
N LEU A 333 29.57 -9.06 -8.94
CA LEU A 333 30.09 -8.21 -10.01
C LEU A 333 30.67 -6.91 -9.46
N GLY A 334 30.48 -6.68 -8.17
CA GLY A 334 30.98 -5.47 -7.55
C GLY A 334 30.34 -4.20 -8.04
N ASN A 335 29.32 -4.33 -8.89
CA ASN A 335 28.61 -3.18 -9.44
C ASN A 335 27.22 -3.58 -9.93
N PRO A 336 26.17 -2.95 -9.39
CA PRO A 336 24.77 -3.23 -9.74
C PRO A 336 24.40 -2.94 -11.19
N GLN A 337 25.07 -1.95 -11.78
CA GLN A 337 24.79 -1.58 -13.14
C GLN A 337 25.01 -2.76 -14.09
N GLU A 338 25.88 -3.67 -13.70
CA GLU A 338 26.23 -4.82 -14.55
C GLU A 338 25.32 -6.04 -14.43
N VAL A 339 24.45 -6.05 -13.44
CA VAL A 339 23.53 -7.15 -13.24
C VAL A 339 22.77 -7.45 -14.54
N GLY A 340 22.13 -6.43 -15.11
CA GLY A 340 21.38 -6.61 -16.34
C GLY A 340 22.15 -7.27 -17.47
N PRO A 341 23.30 -6.69 -17.85
CA PRO A 341 24.11 -7.26 -18.94
C PRO A 341 24.45 -8.75 -18.73
N LEU A 342 24.84 -9.13 -17.51
CA LEU A 342 25.17 -10.52 -17.24
C LEU A 342 23.93 -11.42 -17.36
N LEU A 343 22.80 -10.97 -16.83
CA LEU A 343 21.57 -11.75 -16.93
C LEU A 343 21.16 -11.99 -18.39
N ASN A 344 21.24 -10.96 -19.22
CA ASN A 344 20.91 -11.11 -20.65
C ASN A 344 21.86 -12.12 -21.32
N THR A 345 23.14 -12.00 -21.02
CA THR A 345 24.14 -12.90 -21.57
C THR A 345 23.79 -14.34 -21.17
N MET A 346 23.28 -14.49 -19.95
CA MET A 346 22.95 -15.82 -19.45
C MET A 346 21.72 -16.43 -20.13
N ILE A 347 20.74 -15.62 -20.52
CA ILE A 347 19.54 -16.17 -21.14
C ILE A 347 19.43 -16.12 -22.67
N LYS A 348 19.92 -15.03 -23.29
CA LYS A 348 19.81 -14.89 -24.74
C LYS A 348 20.32 -16.11 -25.53
N GLY A 349 19.42 -16.69 -26.29
CA GLY A 349 19.76 -17.84 -27.10
C GLY A 349 20.01 -19.10 -26.29
N ARG A 350 19.78 -19.04 -24.99
CA ARG A 350 20.00 -20.20 -24.14
C ARG A 350 18.76 -20.65 -23.39
N TYR A 351 18.02 -19.69 -22.85
CA TYR A 351 16.81 -19.99 -22.10
C TYR A 351 15.55 -19.31 -22.62
N ASN A 352 15.68 -18.47 -23.63
CA ASN A 352 14.51 -17.76 -24.15
C ASN A 352 14.06 -18.21 -25.55
#